data_9ATE
#
_entry.id   9ATE
#
_cell.length_a   49.847
_cell.length_b   105.869
_cell.length_c   57.751
_cell.angle_alpha   90.00
_cell.angle_beta   109.08
_cell.angle_gamma   90.00
#
_symmetry.space_group_name_H-M   'P 1 21 1'
#
loop_
_entity.id
_entity.type
_entity.pdbx_description
1 polymer '3C-like proteinase nsp5'
2 non-polymer '(1S,2S)-2-{[N-({[(2S)-1-{[(1S,2S,4R)-bicyclo[2.2.1]heptan-2-yl]methyl}-5-oxopyrrolidin-2-yl]methoxy}carbonyl)-L-leucyl]amino}-1-hydroxy-3-[(3S)-2-oxopyrrolidin-3-yl]propane-1-sulfonic acid'
3 non-polymer '(1R,2S)-2-{[N-({[(2S)-1-{[(1S,2S,4R)-bicyclo[2.2.1]heptan-2-yl]methyl}-5-oxopyrrolidin-2-yl]methoxy}carbonyl)-L-leucyl]amino}-1-hydroxy-3-[(3S)-2-oxopyrrolidin-3-yl]propane-1-sulfonic acid'
4 water water
#
_entity_poly.entity_id   1
_entity_poly.type   'polypeptide(L)'
_entity_poly.pdbx_seq_one_letter_code
;MHHHHHHSGLVKMSHPSGDVEACMVQVTCGSMTLNGLWLDNTVWCPRHVMCPADQLSDPNYDALLISMTNHSFSVQKHIG
APANLRVVGHAMQGTLLKLTVDVANPSTPAYTFTTVKPGAAFSVLACYNGRPTGTFTVVMRPNYTIKGSFLCGSCGSVGY
TKEGSVINFCYMHQMELANGTHTGSAFDGTMYGAFMDKQVHQVQLTDKYCSVNVVAWLYAAILNGCAWFVKPNRTSVVSF
NEWALANQFTEFVGTQSVDMLAVKTGVAIEQLLYAIQQLYTGFQGKQILGSTMLEDEFTPEDVNMQIMGVVMQ
;
_entity_poly.pdbx_strand_id   A,B
#
# COMPACT_ATOMS: atom_id res chain seq x y z
N HIS A 6 31.28 11.58 20.13
CA HIS A 6 30.09 11.84 20.95
C HIS A 6 28.91 10.99 20.50
N HIS A 7 28.45 10.10 21.38
CA HIS A 7 27.31 9.25 21.08
C HIS A 7 26.07 10.11 20.82
N SER A 8 25.41 9.83 19.69
CA SER A 8 24.30 10.65 19.24
C SER A 8 23.07 10.53 20.12
N GLY A 9 22.94 9.43 20.85
CA GLY A 9 21.70 9.15 21.53
C GLY A 9 20.68 8.41 20.68
N LEU A 10 21.03 8.02 19.45
CA LEU A 10 20.13 7.27 18.60
C LEU A 10 20.32 5.78 18.85
N VAL A 11 19.22 5.08 19.13
CA VAL A 11 19.22 3.62 19.13
C VAL A 11 17.99 3.16 18.36
N LYS A 12 17.98 1.89 17.99
CA LYS A 12 16.77 1.27 17.46
C LYS A 12 15.78 1.10 18.60
N MET A 13 14.73 1.90 18.61
N MET A 13 14.74 1.92 18.62
CA MET A 13 13.79 1.93 19.72
CA MET A 13 13.77 1.95 19.70
C MET A 13 12.43 1.40 19.29
C MET A 13 12.45 1.35 19.22
N SER A 14 11.98 0.32 19.92
CA SER A 14 10.68 -0.27 19.70
C SER A 14 9.67 0.23 20.73
N HIS A 15 8.39 0.14 20.39
CA HIS A 15 7.37 0.39 21.40
C HIS A 15 7.40 -0.71 22.46
N PRO A 16 7.07 -0.38 23.71
CA PRO A 16 6.88 -1.45 24.71
C PRO A 16 5.84 -2.43 24.20
N SER A 17 6.11 -3.73 24.36
CA SER A 17 5.32 -4.73 23.64
C SER A 17 4.15 -5.31 24.43
N GLY A 18 3.93 -4.88 25.69
CA GLY A 18 3.01 -5.59 26.56
C GLY A 18 1.59 -5.69 26.02
N ASP A 19 1.07 -4.58 25.49
CA ASP A 19 -0.29 -4.58 24.97
C ASP A 19 -0.46 -5.58 23.84
N VAL A 20 0.57 -5.74 23.00
CA VAL A 20 0.46 -6.66 21.86
C VAL A 20 0.70 -8.10 22.29
N GLU A 21 1.65 -8.33 23.23
CA GLU A 21 1.83 -9.70 23.72
C GLU A 21 0.54 -10.30 24.25
N ALA A 22 -0.32 -9.49 24.88
CA ALA A 22 -1.59 -9.99 25.38
C ALA A 22 -2.56 -10.40 24.27
N CYS A 23 -2.23 -10.15 23.01
CA CYS A 23 -3.12 -10.49 21.90
C CYS A 23 -2.63 -11.68 21.10
N MET A 24 -1.46 -12.23 21.44
CA MET A 24 -0.83 -13.26 20.62
C MET A 24 -1.38 -14.63 21.01
N VAL A 25 -1.66 -15.47 20.00
CA VAL A 25 -2.13 -16.83 20.23
C VAL A 25 -1.37 -17.78 19.31
N GLN A 26 -1.50 -19.07 19.58
CA GLN A 26 -0.99 -20.11 18.69
C GLN A 26 -2.17 -20.61 17.86
N VAL A 27 -1.96 -20.78 16.56
CA VAL A 27 -2.98 -21.35 15.69
C VAL A 27 -2.42 -22.59 15.03
N THR A 28 -3.14 -23.70 15.13
CA THR A 28 -2.73 -24.98 14.58
C THR A 28 -3.81 -25.50 13.63
N CYS A 29 -3.40 -25.99 12.47
CA CYS A 29 -4.31 -26.63 11.53
C CYS A 29 -3.63 -27.90 11.05
N GLY A 30 -4.15 -29.05 11.46
CA GLY A 30 -3.46 -30.30 11.19
C GLY A 30 -2.09 -30.31 11.84
N SER A 31 -1.06 -30.55 11.03
CA SER A 31 0.31 -30.59 11.49
C SER A 31 1.07 -29.28 11.28
N MET A 32 0.39 -28.24 10.77
CA MET A 32 0.99 -26.93 10.63
C MET A 32 0.59 -26.06 11.82
N THR A 33 1.55 -25.28 12.35
CA THR A 33 1.26 -24.37 13.44
C THR A 33 2.03 -23.07 13.22
N LEU A 34 1.41 -21.96 13.65
CA LEU A 34 2.03 -20.65 13.60
C LEU A 34 1.31 -19.73 14.60
N ASN A 35 1.57 -18.42 14.51
CA ASN A 35 0.98 -17.48 15.44
C ASN A 35 -0.20 -16.76 14.82
N GLY A 36 -1.08 -16.27 15.71
CA GLY A 36 -2.22 -15.48 15.31
C GLY A 36 -2.34 -14.28 16.25
N LEU A 37 -3.17 -13.33 15.82
CA LEU A 37 -3.42 -12.09 16.55
C LEU A 37 -4.90 -12.06 16.92
N TRP A 38 -5.19 -11.98 18.22
CA TRP A 38 -6.55 -12.13 18.73
C TRP A 38 -7.09 -10.77 19.16
N LEU A 39 -8.04 -10.23 18.39
CA LEU A 39 -8.62 -8.91 18.66
C LEU A 39 -10.13 -9.06 18.62
N ASP A 40 -10.83 -8.57 19.65
CA ASP A 40 -12.30 -8.76 19.72
C ASP A 40 -12.57 -10.26 19.58
N ASN A 41 -13.52 -10.67 18.74
CA ASN A 41 -13.83 -12.08 18.51
C ASN A 41 -13.11 -12.66 17.28
N THR A 42 -12.05 -12.02 16.83
CA THR A 42 -11.38 -12.43 15.60
C THR A 42 -9.94 -12.84 15.90
N VAL A 43 -9.51 -13.92 15.26
CA VAL A 43 -8.09 -14.28 15.24
C VAL A 43 -7.63 -14.25 13.79
N TRP A 44 -6.67 -13.37 13.49
CA TRP A 44 -5.97 -13.27 12.21
C TRP A 44 -4.74 -14.17 12.20
N CYS A 45 -4.52 -14.87 11.10
CA CYS A 45 -3.26 -15.62 10.95
C CYS A 45 -3.02 -15.85 9.46
N PRO A 46 -1.76 -16.15 9.07
CA PRO A 46 -1.49 -16.44 7.66
C PRO A 46 -2.28 -17.65 7.19
N ARG A 47 -2.82 -17.55 5.97
CA ARG A 47 -3.64 -18.63 5.44
C ARG A 47 -2.82 -19.89 5.15
N HIS A 48 -1.51 -19.76 5.00
CA HIS A 48 -0.80 -20.99 4.68
C HIS A 48 -0.71 -21.93 5.87
N VAL A 49 -1.29 -21.57 7.02
CA VAL A 49 -1.42 -22.58 8.06
C VAL A 49 -2.30 -23.73 7.58
N MET A 50 -3.16 -23.51 6.59
CA MET A 50 -4.01 -24.60 6.12
C MET A 50 -3.30 -25.51 5.12
N CYS A 51 -2.11 -25.13 4.64
CA CYS A 51 -1.50 -25.86 3.54
C CYS A 51 -0.58 -26.97 4.07
N PRO A 52 -0.73 -28.22 3.59
CA PRO A 52 0.23 -29.26 3.96
C PRO A 52 1.63 -28.86 3.53
N ALA A 53 2.63 -29.27 4.32
CA ALA A 53 4.01 -28.86 4.08
C ALA A 53 4.51 -29.29 2.71
N ASP A 54 3.94 -30.35 2.14
CA ASP A 54 4.34 -30.83 0.82
C ASP A 54 3.64 -30.09 -0.31
N GLN A 55 2.72 -29.18 -0.01
CA GLN A 55 1.94 -28.50 -1.05
C GLN A 55 2.17 -26.99 -1.06
N LEU A 56 3.20 -26.50 -0.38
CA LEU A 56 3.39 -25.06 -0.22
C LEU A 56 3.80 -24.35 -1.52
N SER A 57 4.24 -25.09 -2.54
CA SER A 57 4.75 -24.44 -3.74
C SER A 57 3.65 -23.94 -4.67
N ASP A 58 2.42 -24.46 -4.58
CA ASP A 58 1.30 -23.94 -5.36
C ASP A 58 -0.01 -24.31 -4.69
N PRO A 59 -0.31 -23.71 -3.54
CA PRO A 59 -1.54 -24.09 -2.82
C PRO A 59 -2.79 -23.60 -3.54
N ASN A 60 -3.81 -24.45 -3.56
CA ASN A 60 -5.17 -24.04 -3.92
C ASN A 60 -5.88 -23.61 -2.64
N TYR A 61 -5.67 -22.34 -2.27
CA TYR A 61 -6.22 -21.87 -1.00
C TYR A 61 -7.74 -21.83 -0.99
N ASP A 62 -8.36 -21.54 -2.14
CA ASP A 62 -9.82 -21.57 -2.17
C ASP A 62 -10.35 -22.96 -1.82
N ALA A 63 -9.74 -23.99 -2.40
CA ALA A 63 -10.17 -25.35 -2.11
C ALA A 63 -9.81 -25.75 -0.68
N LEU A 64 -8.62 -25.37 -0.22
CA LEU A 64 -8.24 -25.65 1.16
C LEU A 64 -9.26 -25.07 2.13
N LEU A 65 -9.67 -23.83 1.88
CA LEU A 65 -10.60 -23.17 2.78
C LEU A 65 -11.95 -23.88 2.80
N ILE A 66 -12.47 -24.23 1.62
CA ILE A 66 -13.74 -24.93 1.55
C ILE A 66 -13.67 -26.24 2.32
N SER A 67 -12.50 -26.89 2.30
CA SER A 67 -12.38 -28.21 2.94
C SER A 67 -12.29 -28.13 4.46
N MET A 68 -11.92 -26.99 5.04
CA MET A 68 -11.83 -26.88 6.49
C MET A 68 -13.21 -26.77 7.11
N THR A 69 -13.31 -27.16 8.38
CA THR A 69 -14.44 -26.82 9.22
C THR A 69 -13.94 -25.95 10.37
N ASN A 70 -14.86 -25.46 11.20
CA ASN A 70 -14.42 -24.77 12.41
C ASN A 70 -13.54 -25.66 13.28
N HIS A 71 -13.79 -26.96 13.27
CA HIS A 71 -13.03 -27.89 14.10
C HIS A 71 -11.62 -28.16 13.57
N SER A 72 -11.32 -27.73 12.33
CA SER A 72 -9.97 -27.90 11.79
C SER A 72 -8.93 -27.03 12.50
N PHE A 73 -9.35 -25.99 13.22
CA PHE A 73 -8.44 -25.01 13.80
C PHE A 73 -8.39 -25.14 15.32
N SER A 74 -7.19 -25.07 15.88
CA SER A 74 -7.00 -25.04 17.31
C SER A 74 -6.29 -23.73 17.65
N VAL A 75 -6.92 -22.94 18.52
CA VAL A 75 -6.37 -21.65 18.92
C VAL A 75 -6.12 -21.68 20.43
N GLN A 76 -4.89 -21.38 20.83
CA GLN A 76 -4.54 -21.35 22.25
C GLN A 76 -3.84 -20.06 22.61
N LYS A 77 -4.22 -19.51 23.77
CA LYS A 77 -3.46 -18.43 24.39
C LYS A 77 -2.61 -19.04 25.50
N HIS A 78 -1.29 -18.85 25.41
CA HIS A 78 -0.38 -19.49 26.37
C HIS A 78 0.05 -18.57 27.50
N ILE A 79 0.29 -17.31 27.22
CA ILE A 79 0.88 -16.42 28.23
C ILE A 79 -0.25 -15.67 28.95
N GLY A 80 0.06 -15.23 30.16
CA GLY A 80 -0.97 -14.58 30.96
C GLY A 80 -1.99 -15.59 31.44
N ALA A 81 -3.27 -15.24 31.30
CA ALA A 81 -4.38 -16.13 31.61
C ALA A 81 -4.65 -17.06 30.44
N PRO A 82 -4.18 -18.31 30.50
CA PRO A 82 -4.23 -19.18 29.32
C PRO A 82 -5.64 -19.62 28.97
N ALA A 83 -5.81 -20.02 27.71
CA ALA A 83 -7.13 -20.38 27.20
C ALA A 83 -6.99 -21.20 25.92
N ASN A 84 -7.91 -22.14 25.75
CA ASN A 84 -8.11 -22.83 24.48
C ASN A 84 -9.41 -22.27 23.94
N LEU A 85 -9.34 -21.58 22.81
CA LEU A 85 -10.49 -20.83 22.30
C LEU A 85 -11.27 -21.67 21.31
N ARG A 86 -12.59 -21.53 21.37
CA ARG A 86 -13.50 -22.27 20.49
C ARG A 86 -13.71 -21.46 19.22
N VAL A 87 -13.37 -22.06 18.06
CA VAL A 87 -13.57 -21.41 16.77
C VAL A 87 -15.00 -21.64 16.31
N VAL A 88 -15.71 -20.57 16.01
CA VAL A 88 -17.11 -20.63 15.59
C VAL A 88 -17.33 -20.10 14.17
N GLY A 89 -16.29 -19.64 13.51
CA GLY A 89 -16.39 -19.27 12.11
C GLY A 89 -15.01 -19.17 11.51
N HIS A 90 -14.91 -19.40 10.21
CA HIS A 90 -13.65 -19.20 9.50
C HIS A 90 -13.91 -18.56 8.14
N ALA A 91 -13.03 -17.64 7.75
CA ALA A 91 -13.10 -16.92 6.49
C ALA A 91 -11.68 -16.59 6.07
N MET A 92 -11.51 -16.25 4.80
CA MET A 92 -10.21 -15.90 4.27
C MET A 92 -10.29 -14.52 3.64
N GLN A 93 -9.35 -13.66 3.99
CA GLN A 93 -9.24 -12.34 3.38
C GLN A 93 -7.84 -12.17 2.80
N GLY A 94 -7.76 -12.22 1.47
CA GLY A 94 -6.47 -12.26 0.81
C GLY A 94 -5.60 -13.35 1.38
N THR A 95 -4.44 -12.99 1.92
CA THR A 95 -3.45 -13.96 2.39
C THR A 95 -3.57 -14.26 3.87
N LEU A 96 -4.66 -13.84 4.50
CA LEU A 96 -4.91 -14.04 5.91
C LEU A 96 -6.19 -14.84 6.08
N LEU A 97 -6.21 -15.68 7.10
CA LEU A 97 -7.43 -16.27 7.62
C LEU A 97 -8.00 -15.35 8.69
N LYS A 98 -9.32 -15.20 8.70
CA LYS A 98 -10.08 -14.56 9.78
C LYS A 98 -10.85 -15.67 10.48
N LEU A 99 -10.39 -16.08 11.66
CA LEU A 99 -11.13 -17.07 12.45
C LEU A 99 -11.97 -16.31 13.46
N THR A 100 -13.24 -16.69 13.59
CA THR A 100 -14.09 -16.10 14.61
C THR A 100 -14.12 -17.03 15.81
N VAL A 101 -13.93 -16.46 17.00
CA VAL A 101 -13.91 -17.27 18.20
C VAL A 101 -15.07 -16.82 19.07
N ASP A 102 -15.44 -17.69 20.02
CA ASP A 102 -16.64 -17.48 20.82
C ASP A 102 -16.43 -16.49 21.96
N VAL A 103 -15.19 -16.08 22.23
CA VAL A 103 -14.85 -15.18 23.32
C VAL A 103 -14.12 -13.99 22.71
N ALA A 104 -14.52 -12.78 23.09
CA ALA A 104 -13.76 -11.60 22.70
C ALA A 104 -12.55 -11.47 23.59
N ASN A 105 -11.37 -11.20 22.99
CA ASN A 105 -10.18 -10.92 23.79
C ASN A 105 -10.45 -9.79 24.77
N PRO A 106 -10.47 -10.09 26.08
CA PRO A 106 -10.67 -9.02 27.07
C PRO A 106 -9.51 -8.04 27.13
N SER A 107 -8.33 -8.42 26.65
CA SER A 107 -7.21 -7.49 26.57
C SER A 107 -7.09 -6.78 25.22
N THR A 108 -8.15 -6.74 24.43
CA THR A 108 -8.08 -6.03 23.13
C THR A 108 -7.75 -4.55 23.35
N PRO A 109 -6.62 -4.07 22.84
CA PRO A 109 -6.33 -2.64 22.98
C PRO A 109 -7.20 -1.84 22.02
N ALA A 110 -7.17 -0.51 22.18
CA ALA A 110 -7.67 0.33 21.11
C ALA A 110 -6.75 0.13 19.90
N TYR A 111 -7.32 -0.10 18.72
CA TYR A 111 -6.47 -0.45 17.58
C TYR A 111 -7.07 0.02 16.27
N THR A 112 -6.20 0.19 15.26
CA THR A 112 -6.61 0.31 13.87
C THR A 112 -5.76 -0.64 13.05
N PHE A 113 -6.14 -0.79 11.78
CA PHE A 113 -5.31 -1.45 10.77
C PHE A 113 -4.85 -0.39 9.79
N THR A 114 -3.57 -0.42 9.44
N THR A 114 -3.58 -0.45 9.41
CA THR A 114 -3.04 0.54 8.48
CA THR A 114 -2.97 0.58 8.56
C THR A 114 -2.01 -0.17 7.64
C THR A 114 -1.87 -0.07 7.73
N THR A 115 -1.61 0.46 6.55
CA THR A 115 -0.49 -0.02 5.73
C THR A 115 0.70 0.90 5.97
N VAL A 116 1.86 0.33 6.17
CA VAL A 116 3.06 1.14 6.37
C VAL A 116 3.72 1.40 5.02
N LYS A 117 4.34 2.60 4.89
CA LYS A 117 4.96 3.00 3.64
C LYS A 117 6.47 2.86 3.69
N PRO A 118 7.11 2.66 2.54
CA PRO A 118 8.58 2.60 2.52
C PRO A 118 9.21 3.75 3.27
N GLY A 119 10.22 3.42 4.07
CA GLY A 119 10.92 4.40 4.87
C GLY A 119 10.39 4.54 6.28
N ALA A 120 9.13 4.19 6.52
CA ALA A 120 8.55 4.29 7.85
C ALA A 120 8.95 3.10 8.73
N ALA A 121 9.11 3.37 10.02
CA ALA A 121 9.56 2.41 11.00
C ALA A 121 8.36 1.79 11.72
N PHE A 122 8.49 0.52 12.10
CA PHE A 122 7.48 -0.07 12.97
C PHE A 122 8.13 -1.12 13.87
N SER A 123 7.39 -1.51 14.90
CA SER A 123 7.88 -2.45 15.89
C SER A 123 7.32 -3.84 15.56
N VAL A 124 8.14 -4.86 15.78
CA VAL A 124 7.78 -6.23 15.48
C VAL A 124 7.88 -7.01 16.78
N LEU A 125 6.84 -7.77 17.09
CA LEU A 125 6.86 -8.74 18.18
C LEU A 125 7.06 -10.12 17.57
N ALA A 126 8.28 -10.65 17.68
CA ALA A 126 8.60 -11.97 17.13
C ALA A 126 8.08 -13.04 18.07
N CYS A 127 7.29 -13.98 17.54
CA CYS A 127 6.61 -15.01 18.32
C CYS A 127 6.87 -16.38 17.73
N TYR A 128 6.91 -17.39 18.61
CA TYR A 128 6.99 -18.79 18.20
C TYR A 128 6.01 -19.58 19.04
N ASN A 129 5.18 -20.42 18.39
CA ASN A 129 4.21 -21.27 19.08
C ASN A 129 3.27 -20.45 19.95
N GLY A 130 2.89 -19.27 19.47
CA GLY A 130 2.06 -18.41 20.27
C GLY A 130 2.74 -17.67 21.39
N ARG A 131 4.07 -17.78 21.53
CA ARG A 131 4.78 -17.16 22.65
C ARG A 131 5.70 -16.05 22.17
N PRO A 132 5.49 -14.81 22.62
CA PRO A 132 6.44 -13.73 22.32
C PRO A 132 7.85 -14.09 22.78
N THR A 133 8.80 -13.90 21.87
CA THR A 133 10.20 -14.17 22.18
CA THR A 133 10.21 -14.20 22.10
C THR A 133 11.12 -12.99 22.00
N GLY A 134 10.77 -12.01 21.17
CA GLY A 134 11.63 -10.85 21.04
C GLY A 134 10.92 -9.70 20.37
N THR A 135 11.51 -8.52 20.53
CA THR A 135 10.97 -7.37 19.81
C THR A 135 12.09 -6.54 19.22
N PHE A 136 11.80 -5.95 18.06
CA PHE A 136 12.79 -5.16 17.35
C PHE A 136 12.04 -4.19 16.46
N THR A 137 12.76 -3.21 15.94
CA THR A 137 12.13 -2.24 15.04
C THR A 137 12.80 -2.32 13.68
N VAL A 138 12.01 -2.10 12.64
CA VAL A 138 12.50 -2.17 11.27
C VAL A 138 11.90 -1.00 10.51
N VAL A 139 12.51 -0.65 9.38
CA VAL A 139 11.93 0.29 8.41
CA VAL A 139 11.91 0.29 8.43
C VAL A 139 11.46 -0.51 7.21
N MET A 140 10.24 -0.22 6.73
CA MET A 140 9.84 -0.75 5.43
C MET A 140 10.78 -0.30 4.31
N ARG A 141 11.35 -1.29 3.61
CA ARG A 141 12.27 -0.92 2.54
C ARG A 141 11.50 -0.48 1.31
N PRO A 142 12.14 0.30 0.44
CA PRO A 142 11.49 0.70 -0.81
C PRO A 142 11.07 -0.46 -1.68
N ASN A 143 11.65 -1.65 -1.51
CA ASN A 143 11.18 -2.80 -2.26
C ASN A 143 10.20 -3.65 -1.46
N TYR A 144 9.64 -3.08 -0.37
CA TYR A 144 8.60 -3.73 0.43
C TYR A 144 9.07 -5.02 1.07
N THR A 145 10.33 -5.04 1.49
CA THR A 145 10.84 -6.06 2.38
C THR A 145 11.24 -5.36 3.66
N ILE A 146 11.46 -6.14 4.71
CA ILE A 146 12.05 -5.61 5.93
C ILE A 146 13.27 -6.47 6.28
N LYS A 147 14.26 -5.84 6.91
CA LYS A 147 15.47 -6.54 7.36
C LYS A 147 15.24 -7.01 8.79
N GLY A 148 14.56 -8.14 8.90
CA GLY A 148 14.10 -8.67 10.16
C GLY A 148 14.97 -9.78 10.69
N SER A 149 14.43 -10.50 11.67
CA SER A 149 15.09 -11.64 12.29
C SER A 149 13.97 -12.64 12.59
N PHE A 150 13.81 -13.63 11.71
CA PHE A 150 12.68 -14.54 11.77
C PHE A 150 13.14 -15.94 11.42
N LEU A 151 12.69 -16.93 12.18
CA LEU A 151 13.06 -18.31 11.91
C LEU A 151 11.79 -19.10 11.59
N CYS A 152 11.97 -20.39 11.32
CA CYS A 152 10.81 -21.27 11.13
CA CYS A 152 10.83 -21.28 11.15
C CYS A 152 9.89 -21.16 12.34
N GLY A 153 8.58 -21.07 12.07
CA GLY A 153 7.60 -20.92 13.12
C GLY A 153 7.23 -19.50 13.47
N SER A 154 7.86 -18.49 12.84
CA SER A 154 7.63 -17.10 13.21
C SER A 154 6.47 -16.46 12.44
N CYS A 155 5.90 -17.16 11.46
CA CYS A 155 4.80 -16.58 10.70
C CYS A 155 3.63 -16.23 11.61
N GLY A 156 2.98 -15.10 11.31
CA GLY A 156 1.95 -14.58 12.19
C GLY A 156 2.46 -13.62 13.24
N SER A 157 3.78 -13.52 13.43
CA SER A 157 4.36 -12.42 14.19
C SER A 157 3.84 -11.10 13.62
N VAL A 158 3.64 -10.11 14.48
N VAL A 158 3.71 -10.11 14.49
CA VAL A 158 2.97 -8.90 14.00
CA VAL A 158 2.95 -8.89 14.20
C VAL A 158 3.85 -7.68 14.17
C VAL A 158 3.90 -7.69 14.16
N GLY A 159 3.63 -6.73 13.27
CA GLY A 159 4.29 -5.44 13.31
C GLY A 159 3.25 -4.36 13.52
N TYR A 160 3.67 -3.28 14.18
CA TYR A 160 2.70 -2.28 14.57
C TYR A 160 3.39 -0.98 14.93
N THR A 161 2.62 0.10 14.88
CA THR A 161 3.01 1.38 15.44
C THR A 161 1.98 1.78 16.49
N LYS A 162 2.27 2.85 17.20
CA LYS A 162 1.40 3.29 18.28
C LYS A 162 1.24 4.79 18.19
N GLU A 163 0.00 5.25 18.15
CA GLU A 163 -0.33 6.68 18.14
C GLU A 163 -1.20 6.95 19.37
N GLY A 164 -0.61 7.58 20.38
CA GLY A 164 -1.25 7.67 21.68
C GLY A 164 -1.38 6.30 22.32
N SER A 165 -2.61 5.92 22.66
CA SER A 165 -2.88 4.58 23.15
C SER A 165 -3.50 3.67 22.09
N VAL A 166 -3.54 4.12 20.83
CA VAL A 166 -4.08 3.31 19.75
C VAL A 166 -2.93 2.55 19.09
N ILE A 167 -3.05 1.24 19.01
CA ILE A 167 -2.09 0.41 18.27
C ILE A 167 -2.53 0.32 16.81
N ASN A 168 -1.63 0.65 15.90
CA ASN A 168 -1.91 0.55 14.48
C ASN A 168 -1.16 -0.67 13.94
N PHE A 169 -1.90 -1.77 13.75
CA PHE A 169 -1.31 -2.99 13.25
C PHE A 169 -1.08 -2.85 11.76
N CYS A 170 0.13 -3.11 11.30
CA CYS A 170 0.47 -2.89 9.90
C CYS A 170 1.12 -4.08 9.22
N TYR A 171 1.47 -5.14 9.96
CA TYR A 171 2.27 -6.20 9.35
C TYR A 171 1.98 -7.51 10.05
N MET A 172 1.80 -8.55 9.25
CA MET A 172 1.78 -9.94 9.71
C MET A 172 2.79 -10.74 8.92
N HIS A 173 3.71 -11.40 9.63
CA HIS A 173 4.86 -12.01 8.98
C HIS A 173 4.48 -13.24 8.15
N GLN A 174 5.05 -13.33 6.92
CA GLN A 174 4.73 -14.45 6.02
C GLN A 174 5.94 -15.24 5.51
N MET A 175 7.06 -14.58 5.21
CA MET A 175 8.07 -15.31 4.42
C MET A 175 9.42 -14.62 4.51
N GLU A 176 10.44 -15.42 4.20
CA GLU A 176 11.80 -14.94 4.02
C GLU A 176 12.15 -15.05 2.56
N LEU A 177 12.80 -14.02 2.02
CA LEU A 177 13.19 -13.96 0.62
C LEU A 177 14.60 -14.52 0.45
N ALA A 178 15.04 -14.65 -0.81
CA ALA A 178 16.32 -15.29 -1.09
C ALA A 178 17.50 -14.52 -0.50
N ASN A 179 17.42 -13.19 -0.44
CA ASN A 179 18.51 -12.38 0.06
C ASN A 179 18.46 -12.21 1.58
N GLY A 180 17.67 -13.00 2.29
CA GLY A 180 17.61 -12.90 3.73
C GLY A 180 16.65 -11.87 4.28
N THR A 181 16.02 -11.05 3.44
CA THR A 181 15.03 -10.12 3.97
C THR A 181 13.68 -10.81 4.09
N HIS A 182 12.69 -10.09 4.60
CA HIS A 182 11.42 -10.69 4.97
C HIS A 182 10.26 -9.86 4.45
N THR A 183 9.11 -10.51 4.32
CA THR A 183 7.92 -9.73 3.99
C THR A 183 6.69 -10.45 4.54
N GLY A 184 5.56 -9.77 4.42
CA GLY A 184 4.37 -10.15 5.12
C GLY A 184 3.18 -9.44 4.53
N SER A 185 2.04 -9.56 5.22
CA SER A 185 0.76 -9.04 4.77
C SER A 185 0.35 -7.83 5.61
N ALA A 186 -0.43 -6.94 5.00
CA ALA A 186 -1.20 -6.01 5.81
C ALA A 186 -2.50 -6.69 6.22
N PHE A 187 -3.25 -6.04 7.11
CA PHE A 187 -4.42 -6.72 7.64
C PHE A 187 -5.62 -6.66 6.71
N ASP A 188 -5.53 -5.94 5.59
CA ASP A 188 -6.46 -6.17 4.51
C ASP A 188 -6.16 -7.46 3.73
N GLY A 189 -5.11 -8.18 4.11
CA GLY A 189 -4.78 -9.43 3.48
C GLY A 189 -3.90 -9.31 2.26
N THR A 190 -3.55 -8.11 1.83
CA THR A 190 -2.66 -7.99 0.69
C THR A 190 -1.23 -8.18 1.16
N MET A 191 -0.41 -8.82 0.34
N MET A 191 -0.42 -8.80 0.33
CA MET A 191 1.00 -8.87 0.67
CA MET A 191 1.01 -8.87 0.60
C MET A 191 1.64 -7.53 0.33
C MET A 191 1.63 -7.50 0.33
N TYR A 192 2.62 -7.14 1.12
CA TYR A 192 3.42 -5.97 0.76
C TYR A 192 4.16 -6.28 -0.52
N GLY A 193 4.31 -5.28 -1.39
CA GLY A 193 5.04 -5.47 -2.64
C GLY A 193 4.30 -6.36 -3.63
N ALA A 194 5.08 -7.06 -4.48
CA ALA A 194 4.54 -7.96 -5.51
C ALA A 194 4.58 -9.43 -5.10
N PHE A 195 4.87 -9.72 -3.83
CA PHE A 195 5.12 -11.07 -3.38
C PHE A 195 3.83 -11.86 -3.26
N MET A 196 3.94 -13.19 -3.39
CA MET A 196 2.82 -14.10 -3.20
C MET A 196 3.18 -15.11 -2.15
N ASP A 197 2.17 -15.56 -1.39
CA ASP A 197 2.43 -16.47 -0.28
C ASP A 197 2.43 -17.91 -0.80
N LYS A 198 3.44 -18.20 -1.62
CA LYS A 198 3.69 -19.53 -2.11
C LYS A 198 5.19 -19.78 -2.10
N GLN A 199 5.57 -21.05 -1.93
CA GLN A 199 6.98 -21.41 -1.78
C GLN A 199 7.59 -21.65 -3.15
N VAL A 200 7.86 -20.54 -3.85
CA VAL A 200 8.46 -20.56 -5.17
C VAL A 200 9.42 -19.40 -5.29
N HIS A 201 10.28 -19.47 -6.30
CA HIS A 201 11.19 -18.38 -6.57
C HIS A 201 10.40 -17.13 -6.93
N GLN A 202 10.78 -16.00 -6.36
CA GLN A 202 10.01 -14.78 -6.59
C GLN A 202 10.96 -13.64 -6.97
N VAL A 203 10.52 -12.84 -7.93
CA VAL A 203 11.33 -11.69 -8.33
C VAL A 203 11.44 -10.75 -7.14
N GLN A 204 12.65 -10.43 -6.75
CA GLN A 204 12.88 -9.45 -5.68
C GLN A 204 13.26 -8.13 -6.33
N LEU A 205 12.47 -7.11 -6.05
CA LEU A 205 12.73 -5.82 -6.64
C LEU A 205 13.96 -5.21 -5.98
N THR A 206 14.59 -4.28 -6.69
N THR A 206 14.58 -4.26 -6.66
CA THR A 206 15.78 -3.65 -6.13
CA THR A 206 15.81 -3.67 -6.17
C THR A 206 15.44 -2.79 -4.93
C THR A 206 15.54 -2.68 -5.04
N ASP A 207 16.37 -2.71 -4.00
CA ASP A 207 16.21 -1.82 -2.87
C ASP A 207 16.86 -0.48 -3.22
N LYS A 208 16.51 0.55 -2.46
CA LYS A 208 17.04 1.90 -2.66
C LYS A 208 17.34 2.49 -1.29
N TYR A 209 18.17 3.53 -1.27
CA TYR A 209 18.28 4.36 -0.07
C TYR A 209 17.03 5.21 0.14
N CYS A 210 16.54 5.27 1.38
CA CYS A 210 15.39 6.13 1.73
CA CYS A 210 15.39 6.13 1.72
C CYS A 210 15.90 7.54 2.00
N SER A 211 15.74 8.44 1.01
N SER A 211 15.73 8.44 1.01
CA SER A 211 16.35 9.76 1.11
CA SER A 211 16.36 9.76 1.11
C SER A 211 15.86 10.54 2.32
C SER A 211 15.86 10.54 2.33
N VAL A 212 14.56 10.46 2.63
CA VAL A 212 14.05 11.21 3.78
C VAL A 212 14.75 10.76 5.07
N ASN A 213 15.07 9.46 5.18
CA ASN A 213 15.73 8.99 6.38
C ASN A 213 17.21 9.36 6.40
N VAL A 214 17.88 9.36 5.24
CA VAL A 214 19.24 9.90 5.21
C VAL A 214 19.24 11.36 5.67
N VAL A 215 18.27 12.15 5.20
CA VAL A 215 18.19 13.54 5.63
C VAL A 215 18.02 13.63 7.15
N ALA A 216 17.15 12.80 7.73
CA ALA A 216 16.96 12.80 9.18
C ALA A 216 18.28 12.52 9.88
N TRP A 217 19.03 11.55 9.39
CA TRP A 217 20.28 11.14 10.02
C TRP A 217 21.32 12.25 9.95
N LEU A 218 21.38 12.97 8.81
CA LEU A 218 22.28 14.12 8.72
C LEU A 218 21.87 15.23 9.68
N TYR A 219 20.56 15.43 9.89
CA TYR A 219 20.12 16.36 10.94
C TYR A 219 20.53 15.86 12.32
N ALA A 220 20.48 14.54 12.56
CA ALA A 220 20.95 14.01 13.84
C ALA A 220 22.42 14.34 14.06
N ALA A 221 23.23 14.25 13.00
CA ALA A 221 24.66 14.60 13.10
C ALA A 221 24.84 16.08 13.41
N ILE A 222 24.11 16.94 12.72
CA ILE A 222 24.19 18.38 13.02
C ILE A 222 23.81 18.66 14.47
N LEU A 223 22.70 18.04 14.93
CA LEU A 223 22.27 18.26 16.31
C LEU A 223 23.31 17.80 17.30
N ASN A 224 24.09 16.77 16.94
CA ASN A 224 25.19 16.29 17.75
C ASN A 224 26.48 17.10 17.61
N GLY A 225 26.51 18.15 16.81
CA GLY A 225 27.73 18.93 16.63
C GLY A 225 28.63 18.48 15.51
N CYS A 226 28.20 17.52 14.69
CA CYS A 226 29.00 16.92 13.61
C CYS A 226 28.48 17.46 12.28
N ALA A 227 28.96 18.65 11.89
CA ALA A 227 28.37 19.37 10.77
C ALA A 227 29.37 19.71 9.67
N TRP A 228 30.51 19.01 9.60
CA TRP A 228 31.52 19.35 8.60
C TRP A 228 31.00 19.23 7.17
N PHE A 229 29.90 18.52 6.93
CA PHE A 229 29.40 18.32 5.57
C PHE A 229 28.44 19.40 5.10
N VAL A 230 28.06 20.34 5.96
CA VAL A 230 27.11 21.39 5.60
C VAL A 230 27.85 22.51 4.87
N LYS A 231 27.33 22.90 3.72
CA LYS A 231 27.87 23.96 2.89
C LYS A 231 26.73 24.90 2.54
N PRO A 232 27.04 26.11 2.06
CA PRO A 232 25.95 26.98 1.56
C PRO A 232 25.19 26.38 0.39
N ASN A 233 25.81 25.46 -0.36
CA ASN A 233 25.22 24.93 -1.57
C ASN A 233 23.92 24.19 -1.29
N ARG A 234 23.00 24.31 -2.24
CA ARG A 234 21.67 23.74 -2.13
C ARG A 234 21.32 23.00 -3.40
N THR A 235 20.54 21.92 -3.25
CA THR A 235 19.90 21.24 -4.36
C THR A 235 18.39 21.25 -4.11
N SER A 236 17.64 21.72 -5.08
CA SER A 236 16.19 21.75 -4.94
C SER A 236 15.64 20.33 -4.87
N VAL A 237 14.47 20.22 -4.26
CA VAL A 237 13.82 18.91 -4.18
C VAL A 237 13.65 18.32 -5.58
N VAL A 238 13.27 19.15 -6.55
CA VAL A 238 13.03 18.64 -7.89
CA VAL A 238 13.03 18.67 -7.91
C VAL A 238 14.32 18.11 -8.52
N SER A 239 15.41 18.88 -8.43
N SER A 239 15.41 18.86 -8.41
CA SER A 239 16.68 18.42 -9.00
CA SER A 239 16.66 18.40 -9.01
C SER A 239 17.21 17.20 -8.26
C SER A 239 17.21 17.18 -8.27
N PHE A 240 17.09 17.18 -6.93
CA PHE A 240 17.50 16.00 -6.18
C PHE A 240 16.71 14.77 -6.63
N ASN A 241 15.40 14.92 -6.86
CA ASN A 241 14.62 13.74 -7.18
C ASN A 241 14.96 13.19 -8.54
N GLU A 242 15.38 14.05 -9.47
CA GLU A 242 15.84 13.54 -10.76
C GLU A 242 17.15 12.76 -10.60
N TRP A 243 18.04 13.29 -9.76
CA TRP A 243 19.30 12.62 -9.43
C TRP A 243 19.06 11.32 -8.68
N ALA A 244 18.06 11.28 -7.77
CA ALA A 244 17.79 10.08 -6.99
C ALA A 244 17.35 8.92 -7.87
N LEU A 245 16.52 9.21 -8.88
CA LEU A 245 16.11 8.18 -9.83
C LEU A 245 17.31 7.57 -10.55
N ALA A 246 18.38 8.34 -10.74
CA ALA A 246 19.56 7.82 -11.42
C ALA A 246 20.60 7.25 -10.46
N ASN A 247 20.31 7.21 -9.14
CA ASN A 247 21.33 6.82 -8.17
C ASN A 247 20.78 5.93 -7.06
N GLN A 248 19.69 5.20 -7.29
CA GLN A 248 19.18 4.21 -6.34
C GLN A 248 18.80 4.84 -5.00
N PHE A 249 18.25 6.05 -5.05
CA PHE A 249 17.63 6.70 -3.89
C PHE A 249 16.13 6.84 -4.16
N THR A 250 15.33 6.80 -3.11
CA THR A 250 13.94 7.20 -3.24
C THR A 250 13.86 8.70 -3.47
N GLU A 251 12.78 9.12 -4.13
CA GLU A 251 12.53 10.55 -4.25
C GLU A 251 12.19 11.12 -2.88
N PHE A 252 12.64 12.34 -2.63
CA PHE A 252 12.44 13.00 -1.34
C PHE A 252 11.06 13.66 -1.31
N VAL A 253 10.32 13.44 -0.23
CA VAL A 253 9.09 14.19 0.04
C VAL A 253 9.19 14.71 1.45
N GLY A 254 9.18 16.02 1.60
CA GLY A 254 9.33 16.61 2.92
C GLY A 254 8.08 16.44 3.75
N THR A 255 8.26 16.42 5.08
CA THR A 255 7.16 16.31 6.03
C THR A 255 7.34 17.34 7.13
N GLN A 256 6.28 17.53 7.92
CA GLN A 256 6.39 18.41 9.09
C GLN A 256 7.47 17.92 10.05
N SER A 257 7.68 16.60 10.15
CA SER A 257 8.72 16.07 11.01
CA SER A 257 8.72 16.10 11.03
C SER A 257 10.10 16.50 10.54
N VAL A 258 10.35 16.44 9.22
CA VAL A 258 11.62 16.93 8.69
C VAL A 258 11.75 18.43 8.90
N ASP A 259 10.66 19.18 8.64
CA ASP A 259 10.69 20.64 8.80
C ASP A 259 11.08 21.05 10.22
N MET A 260 10.60 20.30 11.22
CA MET A 260 10.96 20.58 12.60
C MET A 260 12.46 20.48 12.80
N LEU A 261 13.11 19.53 12.12
CA LEU A 261 14.55 19.39 12.23
C LEU A 261 15.26 20.56 11.55
N ALA A 262 14.71 21.00 10.42
CA ALA A 262 15.31 22.11 9.69
C ALA A 262 15.22 23.40 10.50
N VAL A 263 14.10 23.62 11.17
CA VAL A 263 13.93 24.83 11.99
C VAL A 263 14.87 24.78 13.19
N LYS A 264 15.06 23.60 13.77
CA LYS A 264 15.85 23.53 15.00
C LYS A 264 17.33 23.75 14.71
N THR A 265 17.84 23.17 13.63
CA THR A 265 19.25 23.32 13.30
C THR A 265 19.52 24.57 12.47
N GLY A 266 18.48 25.17 11.91
CA GLY A 266 18.61 26.24 10.94
C GLY A 266 19.22 25.82 9.61
N VAL A 267 19.38 24.53 9.35
CA VAL A 267 19.95 24.05 8.10
C VAL A 267 18.81 23.64 7.18
N ALA A 268 18.81 24.17 5.97
CA ALA A 268 17.72 23.91 5.03
C ALA A 268 17.80 22.49 4.49
N ILE A 269 16.62 21.92 4.23
CA ILE A 269 16.54 20.60 3.61
C ILE A 269 17.42 20.56 2.35
N GLU A 270 17.38 21.63 1.56
CA GLU A 270 18.10 21.63 0.29
C GLU A 270 19.61 21.59 0.47
N GLN A 271 20.12 22.10 1.59
CA GLN A 271 21.54 21.98 1.88
C GLN A 271 21.93 20.52 2.14
N LEU A 272 21.04 19.76 2.78
CA LEU A 272 21.33 18.35 3.04
C LEU A 272 21.14 17.50 1.77
N LEU A 273 20.21 17.88 0.89
CA LEU A 273 20.10 17.20 -0.40
C LEU A 273 21.40 17.33 -1.20
N TYR A 274 21.97 18.54 -1.23
CA TYR A 274 23.28 18.72 -1.85
C TYR A 274 24.32 17.84 -1.16
N ALA A 275 24.37 17.87 0.17
CA ALA A 275 25.35 17.07 0.90
C ALA A 275 25.26 15.60 0.54
N ILE A 276 24.03 15.05 0.49
CA ILE A 276 23.83 13.63 0.16
C ILE A 276 24.46 13.31 -1.18
N GLN A 277 24.25 14.18 -2.16
CA GLN A 277 24.81 13.96 -3.49
C GLN A 277 26.33 13.86 -3.46
N GLN A 278 27.00 14.71 -2.65
CA GLN A 278 28.46 14.62 -2.57
C GLN A 278 28.90 13.47 -1.68
N LEU A 279 28.26 13.29 -0.53
CA LEU A 279 28.66 12.20 0.37
C LEU A 279 28.50 10.84 -0.30
N TYR A 280 27.49 10.67 -1.15
CA TYR A 280 27.23 9.38 -1.80
C TYR A 280 28.41 8.93 -2.63
N THR A 281 29.19 9.86 -3.18
CA THR A 281 30.40 9.53 -3.91
C THR A 281 31.57 9.19 -3.00
N GLY A 282 31.40 9.26 -1.67
CA GLY A 282 32.46 8.93 -0.74
C GLY A 282 32.70 9.97 0.34
N PHE A 283 32.97 9.50 1.57
CA PHE A 283 33.11 10.37 2.73
C PHE A 283 34.50 10.99 2.85
N GLN A 284 35.36 10.77 1.86
CA GLN A 284 36.69 11.39 1.82
C GLN A 284 37.48 11.04 3.08
N GLY A 285 37.36 9.79 3.53
CA GLY A 285 38.04 9.32 4.72
C GLY A 285 37.43 9.75 6.03
N LYS A 286 36.41 10.60 6.01
CA LYS A 286 35.84 11.13 7.24
C LYS A 286 34.67 10.26 7.70
N GLN A 287 34.16 10.55 8.89
CA GLN A 287 33.07 9.78 9.44
C GLN A 287 31.92 10.73 9.80
N ILE A 288 30.71 10.19 9.80
CA ILE A 288 29.55 10.89 10.32
C ILE A 288 28.87 9.98 11.33
N LEU A 289 28.79 10.44 12.58
CA LEU A 289 28.18 9.66 13.65
C LEU A 289 28.75 8.24 13.69
N GLY A 290 30.06 8.14 13.50
CA GLY A 290 30.73 6.85 13.56
C GLY A 290 30.65 6.00 12.30
N SER A 291 30.05 6.51 11.22
CA SER A 291 29.88 5.73 9.99
C SER A 291 30.66 6.34 8.83
N THR A 292 31.06 5.49 7.90
CA THR A 292 31.64 5.92 6.63
C THR A 292 30.66 5.73 5.47
N MET A 293 29.40 5.46 5.77
CA MET A 293 28.39 5.39 4.72
C MET A 293 27.10 6.00 5.21
N LEU A 294 26.24 6.36 4.26
CA LEU A 294 24.97 6.98 4.59
C LEU A 294 24.07 5.98 5.30
N GLU A 295 23.36 6.46 6.32
CA GLU A 295 22.46 5.64 7.14
C GLU A 295 21.02 6.04 6.86
N ASP A 296 20.16 5.06 6.54
CA ASP A 296 18.77 5.39 6.23
C ASP A 296 17.79 4.61 7.10
N GLU A 297 18.23 4.08 8.24
CA GLU A 297 17.36 3.27 9.09
C GLU A 297 16.77 4.04 10.26
N PHE A 298 17.01 5.35 10.35
CA PHE A 298 16.39 6.20 11.36
C PHE A 298 15.52 7.23 10.67
N THR A 299 14.29 7.41 11.19
CA THR A 299 13.31 8.31 10.60
C THR A 299 13.42 9.72 11.17
N PRO A 300 12.83 10.70 10.48
CA PRO A 300 12.72 12.04 11.07
C PRO A 300 12.08 12.02 12.45
N GLU A 301 11.07 11.16 12.63
CA GLU A 301 10.40 11.05 13.92
C GLU A 301 11.33 10.48 14.99
N ASP A 302 12.14 9.48 14.64
CA ASP A 302 13.14 8.98 15.60
C ASP A 302 14.01 10.11 16.10
N VAL A 303 14.53 10.93 15.18
CA VAL A 303 15.45 12.00 15.54
C VAL A 303 14.74 13.02 16.44
N ASN A 304 13.52 13.41 16.08
CA ASN A 304 12.75 14.34 16.89
C ASN A 304 12.51 13.79 18.29
N MET A 305 12.14 12.50 18.39
CA MET A 305 11.85 11.94 19.71
C MET A 305 13.11 11.72 20.53
N GLN A 306 14.11 11.05 19.96
CA GLN A 306 15.24 10.58 20.76
C GLN A 306 16.26 11.68 21.03
N ILE A 307 16.39 12.65 20.14
CA ILE A 307 17.41 13.69 20.28
C ILE A 307 16.81 14.99 20.77
N MET A 308 15.73 15.46 20.15
CA MET A 308 15.12 16.70 20.63
C MET A 308 14.08 16.46 21.73
N GLY A 309 13.82 15.21 22.08
CA GLY A 309 12.88 14.93 23.15
C GLY A 309 11.46 15.40 22.89
N VAL A 310 10.98 15.22 21.67
CA VAL A 310 9.66 15.67 21.25
C VAL A 310 8.59 14.61 21.49
N HIS B 6 -7.59 -3.68 -37.96
CA HIS B 6 -8.28 -4.67 -37.14
C HIS B 6 -8.38 -4.20 -35.69
N HIS B 7 -9.63 -3.96 -35.24
CA HIS B 7 -9.86 -3.60 -33.85
C HIS B 7 -9.41 -4.73 -32.91
N SER B 8 -8.70 -4.35 -31.85
CA SER B 8 -8.16 -5.33 -30.92
C SER B 8 -9.23 -6.06 -30.12
N GLY B 9 -10.44 -5.50 -30.04
CA GLY B 9 -11.41 -5.99 -29.09
C GLY B 9 -11.15 -5.57 -27.66
N LEU B 10 -10.23 -4.64 -27.43
CA LEU B 10 -9.95 -4.12 -26.09
C LEU B 10 -10.59 -2.75 -25.94
N VAL B 11 -11.32 -2.57 -24.84
CA VAL B 11 -11.85 -1.26 -24.47
C VAL B 11 -11.52 -1.05 -23.00
N LYS B 12 -11.69 0.18 -22.55
CA LYS B 12 -11.63 0.49 -21.13
C LYS B 12 -12.94 0.00 -20.49
N MET B 13 -12.89 -1.16 -19.85
N MET B 13 -12.90 -1.19 -19.90
CA MET B 13 -14.08 -1.84 -19.35
CA MET B 13 -14.10 -1.83 -19.36
C MET B 13 -14.18 -1.71 -17.84
C MET B 13 -14.16 -1.65 -17.85
N SER B 14 -15.28 -1.13 -17.36
CA SER B 14 -15.59 -1.04 -15.93
C SER B 14 -16.53 -2.16 -15.49
N HIS B 15 -16.51 -2.47 -14.20
CA HIS B 15 -17.55 -3.31 -13.64
C HIS B 15 -18.90 -2.59 -13.67
N PRO B 16 -20.00 -3.32 -13.82
CA PRO B 16 -21.31 -2.67 -13.71
C PRO B 16 -21.39 -2.02 -12.34
N SER B 17 -21.94 -0.82 -12.28
CA SER B 17 -21.82 -0.05 -11.05
C SER B 17 -23.04 -0.13 -10.13
N GLY B 18 -24.07 -0.92 -10.49
CA GLY B 18 -25.32 -0.85 -9.74
C GLY B 18 -25.19 -1.15 -8.26
N ASP B 19 -24.40 -2.17 -7.92
CA ASP B 19 -24.24 -2.54 -6.50
C ASP B 19 -23.60 -1.41 -5.70
N VAL B 20 -22.72 -0.62 -6.32
CA VAL B 20 -22.06 0.47 -5.62
C VAL B 20 -22.93 1.72 -5.60
N GLU B 21 -23.66 1.98 -6.69
CA GLU B 21 -24.62 3.08 -6.70
C GLU B 21 -25.53 3.05 -5.49
N ALA B 22 -25.97 1.84 -5.07
CA ALA B 22 -26.90 1.67 -3.95
C ALA B 22 -26.27 2.00 -2.59
N CYS B 23 -24.98 2.29 -2.55
CA CYS B 23 -24.25 2.56 -1.33
C CYS B 23 -23.79 4.02 -1.22
N MET B 24 -23.96 4.80 -2.28
CA MET B 24 -23.50 6.19 -2.30
C MET B 24 -24.45 7.09 -1.52
N VAL B 25 -23.87 8.01 -0.72
CA VAL B 25 -24.64 8.97 0.07
C VAL B 25 -23.94 10.32 -0.05
N GLN B 26 -24.66 11.36 0.37
CA GLN B 26 -24.09 12.68 0.55
C GLN B 26 -23.78 12.89 2.02
N VAL B 27 -22.59 13.41 2.34
CA VAL B 27 -22.24 13.71 3.71
C VAL B 27 -22.03 15.21 3.81
N THR B 28 -22.65 15.82 4.82
CA THR B 28 -22.50 17.25 5.05
C THR B 28 -22.09 17.47 6.49
N CYS B 29 -21.12 18.33 6.66
CA CYS B 29 -20.58 18.65 7.98
C CYS B 29 -20.40 20.16 7.98
N GLY B 30 -21.41 20.87 8.48
CA GLY B 30 -21.34 22.32 8.51
C GLY B 30 -21.67 22.95 7.18
N SER B 31 -20.72 23.71 6.63
CA SER B 31 -20.86 24.30 5.30
C SER B 31 -20.28 23.44 4.19
N MET B 32 -19.69 22.30 4.51
CA MET B 32 -19.03 21.44 3.54
C MET B 32 -19.86 20.21 3.25
N THR B 33 -19.74 19.73 2.01
CA THR B 33 -20.48 18.55 1.54
C THR B 33 -19.61 17.78 0.54
N LEU B 34 -19.79 16.46 0.51
CA LEU B 34 -19.11 15.57 -0.43
C LEU B 34 -19.80 14.21 -0.35
N ASN B 35 -19.19 13.19 -0.95
CA ASN B 35 -19.83 11.89 -1.03
C ASN B 35 -19.29 10.96 0.03
N GLY B 36 -20.13 9.99 0.42
CA GLY B 36 -19.75 8.95 1.34
C GLY B 36 -20.19 7.60 0.82
N LEU B 37 -19.69 6.55 1.46
CA LEU B 37 -20.01 5.16 1.12
C LEU B 37 -20.65 4.52 2.34
N TRP B 38 -21.87 4.03 2.19
CA TRP B 38 -22.67 3.47 3.28
C TRP B 38 -22.65 1.94 3.15
N LEU B 39 -22.01 1.27 4.12
CA LEU B 39 -21.94 -0.20 4.17
C LEU B 39 -22.23 -0.64 5.59
N ASP B 40 -23.11 -1.62 5.73
CA ASP B 40 -23.51 -2.07 7.06
C ASP B 40 -23.95 -0.81 7.83
N ASN B 41 -23.50 -0.61 9.06
CA ASN B 41 -23.85 0.57 9.85
C ASN B 41 -22.77 1.66 9.78
N THR B 42 -21.95 1.67 8.74
CA THR B 42 -20.83 2.60 8.68
C THR B 42 -20.92 3.46 7.41
N VAL B 43 -20.62 4.75 7.54
CA VAL B 43 -20.47 5.65 6.39
C VAL B 43 -19.01 6.15 6.39
N TRP B 44 -18.29 5.90 5.30
CA TRP B 44 -16.94 6.40 5.05
C TRP B 44 -16.96 7.66 4.20
N CYS B 45 -16.15 8.65 4.57
CA CYS B 45 -16.00 9.81 3.71
C CYS B 45 -14.66 10.47 4.00
N PRO B 46 -14.17 11.35 3.11
CA PRO B 46 -12.91 12.05 3.38
C PRO B 46 -13.03 12.98 4.58
N ARG B 47 -11.99 12.99 5.40
CA ARG B 47 -12.08 13.76 6.63
C ARG B 47 -12.10 15.26 6.36
N HIS B 48 -11.66 15.72 5.18
CA HIS B 48 -11.66 17.17 5.00
C HIS B 48 -13.07 17.75 4.84
N VAL B 49 -14.11 16.92 4.93
CA VAL B 49 -15.46 17.44 5.03
C VAL B 49 -15.60 18.25 6.32
N MET B 50 -14.70 18.05 7.28
CA MET B 50 -14.76 18.78 8.54
C MET B 50 -14.11 20.14 8.46
N CYS B 51 -13.36 20.40 7.41
CA CYS B 51 -12.50 21.58 7.41
C CYS B 51 -13.24 22.79 6.82
N PRO B 52 -13.23 23.92 7.51
CA PRO B 52 -13.77 25.15 6.89
C PRO B 52 -12.96 25.51 5.65
N ALA B 53 -13.66 26.04 4.64
CA ALA B 53 -13.04 26.24 3.34
C ALA B 53 -11.82 27.15 3.42
N ASP B 54 -11.84 28.14 4.32
CA ASP B 54 -10.70 29.03 4.51
C ASP B 54 -9.66 28.48 5.46
N GLN B 55 -9.55 27.15 5.56
CA GLN B 55 -8.58 26.52 6.46
C GLN B 55 -7.96 25.28 5.83
N LEU B 56 -8.26 25.00 4.57
CA LEU B 56 -7.84 23.75 3.93
C LEU B 56 -6.33 23.65 3.77
N SER B 57 -5.59 24.75 3.92
CA SER B 57 -4.15 24.72 3.70
C SER B 57 -3.40 24.13 4.89
N ASP B 58 -3.90 24.30 6.09
CA ASP B 58 -3.26 23.76 7.30
C ASP B 58 -4.33 23.41 8.32
N PRO B 59 -5.08 22.34 8.09
CA PRO B 59 -6.07 21.90 9.09
C PRO B 59 -5.42 21.09 10.19
N ASN B 60 -5.93 21.27 11.41
CA ASN B 60 -5.66 20.37 12.53
C ASN B 60 -6.83 19.41 12.64
N TYR B 61 -6.71 18.27 11.93
CA TYR B 61 -7.83 17.34 11.87
C TYR B 61 -8.14 16.71 13.23
N ASP B 62 -7.14 16.59 14.11
CA ASP B 62 -7.41 16.08 15.45
C ASP B 62 -8.34 17.02 16.22
N ALA B 63 -8.05 18.32 16.19
CA ALA B 63 -8.90 19.30 16.87
C ALA B 63 -10.26 19.41 16.21
N LEU B 64 -10.30 19.34 14.87
CA LEU B 64 -11.57 19.38 14.16
C LEU B 64 -12.46 18.22 14.57
N LEU B 65 -11.90 17.01 14.64
CA LEU B 65 -12.67 15.86 15.07
C LEU B 65 -13.24 16.06 16.47
N ILE B 66 -12.40 16.54 17.39
CA ILE B 66 -12.81 16.76 18.77
C ILE B 66 -13.98 17.73 18.83
N SER B 67 -13.94 18.77 17.98
CA SER B 67 -14.97 19.80 17.93
C SER B 67 -16.29 19.28 17.40
N MET B 68 -16.33 18.09 16.81
CA MET B 68 -17.56 17.56 16.27
C MET B 68 -18.29 16.73 17.33
N THR B 69 -19.59 16.65 17.18
CA THR B 69 -20.46 15.70 17.84
C THR B 69 -21.16 14.87 16.76
N ASN B 70 -22.02 13.92 17.18
CA ASN B 70 -22.77 13.16 16.19
C ASN B 70 -23.74 14.04 15.40
N HIS B 71 -24.29 15.07 16.03
CA HIS B 71 -25.23 15.96 15.34
C HIS B 71 -24.56 16.90 14.36
N SER B 72 -23.24 16.90 14.27
CA SER B 72 -22.52 17.75 13.33
C SER B 72 -22.59 17.21 11.90
N PHE B 73 -23.00 15.97 11.72
CA PHE B 73 -22.99 15.32 10.42
C PHE B 73 -24.42 15.06 9.98
N SER B 74 -24.67 15.25 8.69
CA SER B 74 -25.92 14.85 8.05
C SER B 74 -25.58 13.97 6.88
N VAL B 75 -26.26 12.84 6.78
CA VAL B 75 -25.98 11.85 5.76
C VAL B 75 -27.29 11.60 5.03
N GLN B 76 -27.29 11.75 3.71
CA GLN B 76 -28.51 11.60 2.93
C GLN B 76 -28.26 10.65 1.79
N LYS B 77 -29.16 9.69 1.61
CA LYS B 77 -29.22 8.89 0.39
C LYS B 77 -30.26 9.54 -0.50
N HIS B 78 -29.88 9.89 -1.73
CA HIS B 78 -30.78 10.54 -2.67
C HIS B 78 -31.40 9.60 -3.69
N ILE B 79 -30.63 8.66 -4.18
CA ILE B 79 -31.08 7.80 -5.26
C ILE B 79 -31.75 6.55 -4.69
N GLY B 80 -32.50 5.86 -5.53
CA GLY B 80 -33.24 4.72 -5.05
C GLY B 80 -34.25 5.16 -4.01
N ALA B 81 -34.37 4.36 -2.93
CA ALA B 81 -35.16 4.74 -1.78
C ALA B 81 -34.40 5.79 -0.98
N PRO B 82 -34.84 7.04 -0.96
CA PRO B 82 -34.09 8.06 -0.23
C PRO B 82 -34.12 7.77 1.25
N ALA B 83 -33.11 8.23 1.96
CA ALA B 83 -33.12 8.13 3.41
C ALA B 83 -32.23 9.23 4.00
N ASN B 84 -32.56 9.65 5.21
CA ASN B 84 -31.68 10.51 5.99
C ASN B 84 -31.21 9.69 7.17
N LEU B 85 -29.91 9.57 7.33
CA LEU B 85 -29.35 8.60 8.26
C LEU B 85 -28.92 9.33 9.53
N ARG B 86 -29.31 8.78 10.68
CA ARG B 86 -28.90 9.40 11.93
C ARG B 86 -27.54 8.86 12.31
N VAL B 87 -26.59 9.76 12.53
CA VAL B 87 -25.25 9.42 12.97
C VAL B 87 -25.25 9.21 14.48
N VAL B 88 -24.77 8.05 14.94
CA VAL B 88 -24.72 7.74 16.35
C VAL B 88 -23.29 7.57 16.86
N GLY B 89 -22.30 7.85 16.01
CA GLY B 89 -20.92 7.69 16.37
C GLY B 89 -20.04 8.25 15.29
N HIS B 90 -18.86 8.75 15.65
CA HIS B 90 -17.94 9.24 14.64
C HIS B 90 -16.50 8.99 15.10
N ALA B 91 -15.66 8.63 14.14
CA ALA B 91 -14.28 8.27 14.40
C ALA B 91 -13.47 8.69 13.19
N MET B 92 -12.18 8.92 13.40
CA MET B 92 -11.30 9.25 12.30
C MET B 92 -10.31 8.11 12.12
N GLN B 93 -10.08 7.71 10.89
CA GLN B 93 -9.03 6.74 10.61
C GLN B 93 -8.20 7.22 9.43
N GLY B 94 -6.99 7.68 9.73
CA GLY B 94 -6.14 8.24 8.70
C GLY B 94 -6.84 9.45 8.13
N THR B 95 -7.05 9.42 6.82
CA THR B 95 -7.64 10.54 6.09
C THR B 95 -9.13 10.38 5.85
N LEU B 96 -9.76 9.38 6.46
CA LEU B 96 -11.18 9.15 6.32
C LEU B 96 -11.91 9.36 7.64
N LEU B 97 -13.16 9.78 7.56
CA LEU B 97 -14.08 9.70 8.68
C LEU B 97 -14.82 8.38 8.60
N LYS B 98 -15.03 7.75 9.74
CA LYS B 98 -15.85 6.57 9.90
C LYS B 98 -17.06 7.00 10.71
N LEU B 99 -18.22 7.15 10.06
CA LEU B 99 -19.44 7.54 10.75
C LEU B 99 -20.27 6.30 11.01
N THR B 100 -20.76 6.15 12.23
CA THR B 100 -21.65 5.06 12.56
C THR B 100 -23.07 5.60 12.48
N VAL B 101 -23.91 4.90 11.74
CA VAL B 101 -25.29 5.32 11.55
C VAL B 101 -26.20 4.27 12.17
N ASP B 102 -27.44 4.68 12.44
CA ASP B 102 -28.39 3.86 13.19
C ASP B 102 -29.05 2.76 12.36
N VAL B 103 -28.93 2.81 11.05
CA VAL B 103 -29.58 1.86 10.15
C VAL B 103 -28.50 1.19 9.30
N ALA B 104 -28.57 -0.12 9.17
CA ALA B 104 -27.67 -0.83 8.29
C ALA B 104 -28.16 -0.72 6.85
N ASN B 105 -27.23 -0.50 5.92
CA ASN B 105 -27.63 -0.37 4.54
C ASN B 105 -28.24 -1.67 4.05
N PRO B 106 -29.52 -1.70 3.67
CA PRO B 106 -30.11 -2.98 3.26
C PRO B 106 -29.60 -3.46 1.93
N SER B 107 -28.92 -2.59 1.17
CA SER B 107 -28.33 -2.95 -0.11
C SER B 107 -26.84 -3.25 0.00
N THR B 108 -26.34 -3.50 1.21
CA THR B 108 -24.91 -3.73 1.36
C THR B 108 -24.50 -4.98 0.56
N PRO B 109 -23.63 -4.87 -0.41
CA PRO B 109 -23.15 -6.06 -1.12
C PRO B 109 -22.09 -6.76 -0.29
N ALA B 110 -21.79 -8.01 -0.66
CA ALA B 110 -20.64 -8.67 -0.06
C ALA B 110 -19.40 -7.87 -0.46
N TYR B 111 -18.55 -7.54 0.51
CA TYR B 111 -17.44 -6.67 0.16
C TYR B 111 -16.24 -6.94 1.06
N THR B 112 -15.09 -6.45 0.60
CA THR B 112 -13.85 -6.39 1.35
C THR B 112 -13.20 -5.05 1.08
N PHE B 113 -12.20 -4.72 1.87
CA PHE B 113 -11.35 -3.57 1.63
C PHE B 113 -9.97 -4.09 1.28
N THR B 114 -9.34 -3.49 0.27
N THR B 114 -9.37 -3.55 0.22
CA THR B 114 -8.03 -3.91 -0.22
CA THR B 114 -7.99 -3.88 -0.12
C THR B 114 -7.31 -2.69 -0.77
C THR B 114 -7.29 -2.62 -0.61
N THR B 115 -5.97 -2.72 -0.72
CA THR B 115 -5.17 -1.67 -1.35
C THR B 115 -4.76 -2.15 -2.73
N VAL B 116 -4.94 -1.28 -3.73
CA VAL B 116 -4.53 -1.57 -5.10
C VAL B 116 -3.05 -1.24 -5.28
N LYS B 117 -2.40 -2.01 -6.14
CA LYS B 117 -0.97 -1.84 -6.37
C LYS B 117 -0.72 -1.16 -7.70
N PRO B 118 0.44 -0.54 -7.88
CA PRO B 118 0.77 0.08 -9.19
C PRO B 118 0.60 -0.92 -10.33
N GLY B 119 0.03 -0.44 -11.42
CA GLY B 119 -0.24 -1.30 -12.57
C GLY B 119 -1.60 -1.95 -12.55
N ALA B 120 -2.20 -2.13 -11.39
CA ALA B 120 -3.52 -2.76 -11.32
C ALA B 120 -4.60 -1.76 -11.70
N ALA B 121 -5.69 -2.29 -12.26
CA ALA B 121 -6.84 -1.54 -12.75
C ALA B 121 -8.00 -1.61 -11.77
N PHE B 122 -8.78 -0.52 -11.70
CA PHE B 122 -10.00 -0.59 -10.91
C PHE B 122 -11.04 0.35 -11.53
N SER B 123 -12.30 0.09 -11.17
CA SER B 123 -13.42 0.90 -11.64
C SER B 123 -13.67 2.02 -10.66
N VAL B 124 -14.07 3.18 -11.17
CA VAL B 124 -14.40 4.34 -10.32
C VAL B 124 -15.84 4.72 -10.61
N LEU B 125 -16.60 5.02 -9.56
CA LEU B 125 -17.94 5.56 -9.68
C LEU B 125 -17.82 7.03 -9.26
N ALA B 126 -17.84 7.93 -10.24
CA ALA B 126 -17.76 9.35 -9.96
C ALA B 126 -19.13 9.87 -9.55
N CYS B 127 -19.17 10.58 -8.41
CA CYS B 127 -20.40 11.06 -7.80
C CYS B 127 -20.25 12.51 -7.40
N TYR B 128 -21.37 13.24 -7.47
CA TYR B 128 -21.45 14.61 -7.00
C TYR B 128 -22.71 14.75 -6.15
N ASN B 129 -22.57 15.35 -4.96
CA ASN B 129 -23.70 15.54 -4.05
C ASN B 129 -24.43 14.23 -3.75
N GLY B 130 -23.67 13.15 -3.67
CA GLY B 130 -24.24 11.85 -3.39
C GLY B 130 -24.92 11.19 -4.56
N ARG B 131 -24.82 11.74 -5.76
N ARG B 131 -24.87 11.78 -5.75
CA ARG B 131 -25.50 11.19 -6.93
CA ARG B 131 -25.50 11.17 -6.92
C ARG B 131 -24.48 10.68 -7.94
C ARG B 131 -24.44 10.67 -7.90
N PRO B 132 -24.49 9.38 -8.26
CA PRO B 132 -23.56 8.87 -9.28
C PRO B 132 -23.78 9.52 -10.63
N THR B 133 -22.69 9.93 -11.28
CA THR B 133 -22.77 10.57 -12.57
CA THR B 133 -22.71 10.62 -12.56
C THR B 133 -22.01 9.86 -13.67
N GLY B 134 -20.99 9.09 -13.35
CA GLY B 134 -20.33 8.39 -14.42
C GLY B 134 -19.44 7.31 -13.86
N THR B 135 -18.98 6.43 -14.76
CA THR B 135 -18.04 5.40 -14.36
C THR B 135 -16.95 5.26 -15.42
N PHE B 136 -15.76 4.94 -14.93
CA PHE B 136 -14.59 4.79 -15.80
C PHE B 136 -13.64 3.88 -15.04
N THR B 137 -12.61 3.42 -15.75
N THR B 137 -12.64 3.40 -15.77
CA THR B 137 -11.61 2.57 -15.11
CA THR B 137 -11.57 2.62 -15.15
C THR B 137 -10.22 3.16 -15.33
C THR B 137 -10.26 3.36 -15.24
N VAL B 138 -9.36 3.05 -14.31
CA VAL B 138 -8.03 3.62 -14.31
C VAL B 138 -7.07 2.53 -13.87
N VAL B 139 -5.80 2.73 -14.16
CA VAL B 139 -4.70 1.96 -13.60
CA VAL B 139 -4.74 1.94 -13.56
C VAL B 139 -4.02 2.81 -12.53
N MET B 140 -3.72 2.22 -11.36
CA MET B 140 -2.88 2.93 -10.38
C MET B 140 -1.48 3.11 -10.96
N ARG B 141 -1.05 4.35 -11.14
CA ARG B 141 0.27 4.58 -11.72
C ARG B 141 1.37 4.20 -10.73
N PRO B 142 2.56 3.88 -11.25
CA PRO B 142 3.71 3.67 -10.36
C PRO B 142 3.99 4.84 -9.42
N ASN B 143 3.53 6.06 -9.71
CA ASN B 143 3.75 7.15 -8.77
C ASN B 143 2.54 7.39 -7.87
N TYR B 144 1.63 6.42 -7.81
CA TYR B 144 0.46 6.43 -6.92
C TYR B 144 -0.50 7.58 -7.20
N THR B 145 -0.62 7.93 -8.46
CA THR B 145 -1.69 8.78 -8.95
C THR B 145 -2.53 7.95 -9.91
N ILE B 146 -3.72 8.45 -10.23
CA ILE B 146 -4.52 7.90 -11.33
C ILE B 146 -4.87 9.03 -12.28
N LYS B 147 -5.08 8.68 -13.55
CA LYS B 147 -5.41 9.65 -14.59
C LYS B 147 -6.93 9.62 -14.75
N GLY B 148 -7.60 10.27 -13.80
CA GLY B 148 -9.04 10.20 -13.70
C GLY B 148 -9.73 11.41 -14.29
N SER B 149 -10.98 11.58 -13.90
CA SER B 149 -11.81 12.67 -14.40
C SER B 149 -12.68 13.08 -13.22
N PHE B 150 -12.25 14.12 -12.50
CA PHE B 150 -12.86 14.49 -11.23
C PHE B 150 -12.93 16.01 -11.18
N LEU B 151 -14.06 16.53 -10.81
CA LEU B 151 -14.26 17.96 -10.67
C LEU B 151 -14.53 18.30 -9.22
N CYS B 152 -14.72 19.59 -8.95
CA CYS B 152 -15.09 20.01 -7.61
CA CYS B 152 -15.10 20.03 -7.61
C CYS B 152 -16.36 19.29 -7.16
N GLY B 153 -16.34 18.81 -5.91
CA GLY B 153 -17.45 18.04 -5.35
C GLY B 153 -17.38 16.53 -5.58
N SER B 154 -16.34 16.03 -6.23
CA SER B 154 -16.20 14.59 -6.48
C SER B 154 -15.58 13.84 -5.32
N CYS B 155 -15.04 14.51 -4.32
CA CYS B 155 -14.38 13.80 -3.23
C CYS B 155 -15.35 12.82 -2.58
N GLY B 156 -14.82 11.67 -2.21
CA GLY B 156 -15.63 10.59 -1.71
C GLY B 156 -16.14 9.63 -2.78
N SER B 157 -15.95 9.98 -4.06
CA SER B 157 -16.14 9.02 -5.15
C SER B 157 -15.27 7.80 -4.89
N VAL B 158 -15.77 6.62 -5.25
N VAL B 158 -15.74 6.62 -5.30
CA VAL B 158 -15.14 5.39 -4.81
CA VAL B 158 -15.23 5.35 -4.80
C VAL B 158 -14.60 4.60 -6.00
C VAL B 158 -14.67 4.51 -5.96
N GLY B 159 -13.52 3.87 -5.73
CA GLY B 159 -12.94 2.95 -6.70
C GLY B 159 -12.98 1.54 -6.13
N TYR B 160 -13.15 0.56 -7.00
CA TYR B 160 -13.34 -0.81 -6.52
C TYR B 160 -13.00 -1.80 -7.63
N THR B 161 -12.77 -3.03 -7.21
CA THR B 161 -12.72 -4.18 -8.11
C THR B 161 -13.80 -5.17 -7.66
N LYS B 162 -14.06 -6.16 -8.50
CA LYS B 162 -14.99 -7.25 -8.18
C LYS B 162 -14.30 -8.58 -8.37
N GLU B 163 -14.42 -9.46 -7.38
CA GLU B 163 -14.01 -10.86 -7.45
C GLU B 163 -15.27 -11.69 -7.17
N GLY B 164 -15.83 -12.28 -8.22
CA GLY B 164 -17.14 -12.91 -8.08
C GLY B 164 -18.19 -11.87 -7.75
N SER B 165 -19.00 -12.16 -6.73
CA SER B 165 -19.97 -11.20 -6.25
C SER B 165 -19.41 -10.30 -5.14
N VAL B 166 -18.13 -10.47 -4.77
CA VAL B 166 -17.52 -9.67 -3.73
C VAL B 166 -16.90 -8.41 -4.32
N ILE B 167 -17.32 -7.26 -3.81
CA ILE B 167 -16.77 -5.99 -4.25
C ILE B 167 -15.60 -5.67 -3.34
N ASN B 168 -14.46 -5.37 -3.93
CA ASN B 168 -13.30 -4.96 -3.13
C ASN B 168 -13.08 -3.47 -3.30
N PHE B 169 -13.43 -2.71 -2.28
CA PHE B 169 -13.28 -1.27 -2.33
C PHE B 169 -11.82 -0.91 -2.07
N CYS B 170 -11.24 -0.09 -2.93
CA CYS B 170 -9.82 0.20 -2.83
C CYS B 170 -9.47 1.68 -2.88
N TYR B 171 -10.43 2.56 -3.15
CA TYR B 171 -10.08 3.96 -3.37
C TYR B 171 -11.26 4.85 -2.99
N MET B 172 -10.96 5.92 -2.28
CA MET B 172 -11.84 7.08 -2.03
C MET B 172 -11.14 8.32 -2.53
N HIS B 173 -11.77 9.05 -3.45
CA HIS B 173 -11.10 10.19 -4.07
C HIS B 173 -10.90 11.34 -3.08
N GLN B 174 -9.69 11.95 -3.15
CA GLN B 174 -9.38 13.07 -2.28
C GLN B 174 -8.93 14.35 -2.99
N MET B 175 -8.21 14.26 -4.12
CA MET B 175 -7.55 15.49 -4.57
C MET B 175 -7.06 15.40 -6.01
N GLU B 176 -6.81 16.57 -6.59
CA GLU B 176 -6.16 16.71 -7.89
C GLU B 176 -4.76 17.29 -7.69
N LEU B 177 -3.78 16.69 -8.35
CA LEU B 177 -2.40 17.15 -8.28
C LEU B 177 -2.14 18.21 -9.36
N ALA B 178 -0.96 18.82 -9.29
CA ALA B 178 -0.62 19.92 -10.18
C ALA B 178 -0.58 19.50 -11.64
N ASN B 179 -0.22 18.25 -11.92
CA ASN B 179 -0.13 17.80 -13.30
C ASN B 179 -1.47 17.28 -13.82
N GLY B 180 -2.55 17.50 -13.08
CA GLY B 180 -3.87 17.09 -13.52
C GLY B 180 -4.26 15.67 -13.16
N THR B 181 -3.37 14.90 -12.54
CA THR B 181 -3.73 13.56 -12.12
C THR B 181 -4.34 13.61 -10.72
N HIS B 182 -4.75 12.45 -10.22
CA HIS B 182 -5.61 12.38 -9.05
C HIS B 182 -5.09 11.37 -8.04
N THR B 183 -5.43 11.61 -6.77
CA THR B 183 -5.15 10.59 -5.77
C THR B 183 -6.16 10.65 -4.63
N GLY B 184 -6.07 9.64 -3.79
CA GLY B 184 -7.09 9.38 -2.79
C GLY B 184 -6.57 8.41 -1.77
N SER B 185 -7.49 7.91 -0.97
CA SER B 185 -7.19 7.09 0.20
C SER B 185 -7.65 5.65 -0.01
N ALA B 186 -6.90 4.71 0.54
CA ALA B 186 -7.46 3.38 0.77
C ALA B 186 -8.40 3.41 1.99
N PHE B 187 -9.16 2.34 2.19
CA PHE B 187 -10.14 2.37 3.25
C PHE B 187 -9.56 2.05 4.61
N ASP B 188 -8.24 1.79 4.70
CA ASP B 188 -7.59 1.92 6.01
C ASP B 188 -7.21 3.37 6.31
N GLY B 189 -7.52 4.30 5.42
CA GLY B 189 -7.30 5.70 5.69
C GLY B 189 -5.97 6.25 5.23
N THR B 190 -5.07 5.41 4.72
CA THR B 190 -3.80 5.93 4.21
C THR B 190 -4.01 6.51 2.83
N MET B 191 -3.35 7.61 2.53
N MET B 191 -3.35 7.63 2.55
CA MET B 191 -3.31 8.14 1.18
CA MET B 191 -3.28 8.12 1.19
C MET B 191 -2.36 7.31 0.32
C MET B 191 -2.41 7.18 0.35
N TYR B 192 -2.75 7.06 -0.93
CA TYR B 192 -1.82 6.41 -1.85
C TYR B 192 -0.62 7.32 -2.03
N GLY B 193 0.57 6.74 -2.08
CA GLY B 193 1.76 7.54 -2.28
C GLY B 193 2.11 8.35 -1.03
N ALA B 194 2.91 9.39 -1.24
CA ALA B 194 3.35 10.20 -0.12
C ALA B 194 2.54 11.48 0.05
N PHE B 195 1.31 11.51 -0.46
CA PHE B 195 0.51 12.73 -0.49
C PHE B 195 -0.22 12.96 0.82
N MET B 196 -0.50 14.22 1.12
CA MET B 196 -1.23 14.64 2.32
C MET B 196 -2.52 15.30 1.90
N ASP B 197 -3.59 15.11 2.69
CA ASP B 197 -4.88 15.75 2.39
C ASP B 197 -4.91 17.16 2.98
N LYS B 198 -4.11 18.03 2.37
CA LYS B 198 -4.17 19.45 2.68
C LYS B 198 -3.97 20.22 1.38
N GLN B 199 -4.60 21.38 1.30
CA GLN B 199 -4.61 22.18 0.07
C GLN B 199 -3.31 22.97 -0.04
N VAL B 200 -2.24 22.25 -0.37
CA VAL B 200 -0.94 22.85 -0.64
C VAL B 200 -0.39 22.16 -1.87
N HIS B 201 0.53 22.86 -2.55
N HIS B 201 0.54 22.82 -2.54
CA HIS B 201 1.28 22.23 -3.63
CA HIS B 201 1.20 22.19 -3.68
C HIS B 201 2.17 21.13 -3.08
C HIS B 201 2.21 21.19 -3.17
N GLN B 202 2.21 19.99 -3.75
CA GLN B 202 2.97 18.87 -3.21
C GLN B 202 3.88 18.24 -4.24
N VAL B 203 5.00 17.71 -3.74
CA VAL B 203 5.93 16.96 -4.58
C VAL B 203 5.22 15.72 -5.09
N GLN B 204 5.06 15.62 -6.41
CA GLN B 204 4.47 14.44 -7.03
C GLN B 204 5.56 13.70 -7.78
N LEU B 205 5.66 12.39 -7.55
CA LEU B 205 6.83 11.65 -7.97
C LEU B 205 6.77 11.26 -9.44
N THR B 206 7.91 10.77 -9.92
CA THR B 206 8.08 10.47 -11.34
C THR B 206 7.36 9.19 -11.69
N ASP B 207 6.63 9.23 -12.79
CA ASP B 207 5.91 8.06 -13.25
C ASP B 207 6.84 7.14 -14.02
N LYS B 208 6.37 5.92 -14.26
CA LYS B 208 7.06 4.91 -15.04
C LYS B 208 6.07 4.17 -15.92
N TYR B 209 6.59 3.58 -16.99
CA TYR B 209 5.86 2.57 -17.74
C TYR B 209 5.71 1.31 -16.90
N CYS B 210 4.49 0.77 -16.87
CA CYS B 210 4.21 -0.47 -16.15
CA CYS B 210 4.22 -0.46 -16.15
C CYS B 210 4.55 -1.65 -17.05
N SER B 211 5.68 -2.29 -16.78
N SER B 211 5.67 -2.32 -16.77
CA SER B 211 6.21 -3.30 -17.70
CA SER B 211 6.20 -3.29 -17.72
C SER B 211 5.25 -4.47 -17.88
C SER B 211 5.31 -4.51 -17.87
N VAL B 212 4.66 -4.96 -16.79
CA VAL B 212 3.76 -6.12 -16.89
C VAL B 212 2.58 -5.80 -17.81
N ASN B 213 2.12 -4.54 -17.81
CA ASN B 213 0.99 -4.15 -18.66
C ASN B 213 1.41 -3.94 -20.08
N VAL B 214 2.64 -3.49 -20.33
CA VAL B 214 3.11 -3.45 -21.71
C VAL B 214 3.20 -4.86 -22.27
N VAL B 215 3.71 -5.81 -21.49
CA VAL B 215 3.76 -7.20 -21.93
C VAL B 215 2.36 -7.70 -22.30
N ALA B 216 1.38 -7.41 -21.45
CA ALA B 216 -0.01 -7.82 -21.70
C ALA B 216 -0.53 -7.25 -23.01
N TRP B 217 -0.20 -6.00 -23.29
CA TRP B 217 -0.65 -5.33 -24.52
C TRP B 217 0.02 -5.93 -25.75
N LEU B 218 1.29 -6.29 -25.65
CA LEU B 218 1.94 -6.98 -26.77
C LEU B 218 1.31 -8.35 -26.99
N TYR B 219 0.93 -9.04 -25.91
CA TYR B 219 0.18 -10.29 -26.06
C TYR B 219 -1.16 -10.05 -26.74
N ALA B 220 -1.85 -8.97 -26.35
CA ALA B 220 -3.11 -8.63 -27.02
C ALA B 220 -2.88 -8.41 -28.51
N ALA B 221 -1.75 -7.82 -28.88
CA ALA B 221 -1.46 -7.63 -30.29
C ALA B 221 -1.29 -8.97 -30.99
N ILE B 222 -0.57 -9.90 -30.37
CA ILE B 222 -0.34 -11.23 -30.96
C ILE B 222 -1.67 -11.96 -31.09
N LEU B 223 -2.51 -11.90 -30.05
CA LEU B 223 -3.82 -12.52 -30.11
C LEU B 223 -4.68 -11.95 -31.22
N ASN B 224 -4.31 -10.79 -31.76
CA ASN B 224 -5.06 -10.16 -32.84
C ASN B 224 -4.38 -10.35 -34.19
N GLY B 225 -3.32 -11.13 -34.25
CA GLY B 225 -2.63 -11.39 -35.51
C GLY B 225 -1.49 -10.45 -35.82
N CYS B 226 -1.16 -9.54 -34.90
CA CYS B 226 -0.16 -8.49 -35.09
C CYS B 226 1.08 -8.93 -34.31
N ALA B 227 2.12 -9.39 -35.02
CA ALA B 227 3.29 -9.91 -34.33
C ALA B 227 4.60 -9.58 -35.04
N TRP B 228 4.65 -8.44 -35.74
CA TRP B 228 5.88 -8.08 -36.47
C TRP B 228 7.05 -7.85 -35.53
N PHE B 229 6.78 -7.52 -34.27
CA PHE B 229 7.79 -7.19 -33.28
C PHE B 229 8.33 -8.41 -32.56
N VAL B 230 7.76 -9.58 -32.80
CA VAL B 230 8.18 -10.82 -32.15
C VAL B 230 9.35 -11.40 -32.93
N LYS B 231 10.51 -11.51 -32.30
CA LYS B 231 11.69 -12.16 -32.82
C LYS B 231 12.04 -13.37 -31.97
N PRO B 232 12.90 -14.26 -32.46
CA PRO B 232 13.35 -15.37 -31.60
C PRO B 232 14.13 -14.89 -30.37
N ASN B 233 14.67 -13.68 -30.41
CA ASN B 233 15.55 -13.20 -29.35
C ASN B 233 14.81 -13.05 -28.03
N ARG B 234 15.52 -13.32 -26.94
CA ARG B 234 14.98 -13.27 -25.60
C ARG B 234 15.85 -12.43 -24.70
N THR B 235 15.20 -11.78 -23.73
CA THR B 235 15.84 -11.14 -22.59
C THR B 235 15.29 -11.76 -21.32
N SER B 236 16.17 -12.17 -20.42
CA SER B 236 15.70 -12.77 -19.18
C SER B 236 15.05 -11.72 -18.28
N VAL B 237 14.21 -12.19 -17.37
CA VAL B 237 13.56 -11.28 -16.43
C VAL B 237 14.59 -10.50 -15.62
N VAL B 238 15.61 -11.20 -15.11
CA VAL B 238 16.63 -10.52 -14.30
CA VAL B 238 16.64 -10.53 -14.31
C VAL B 238 17.34 -9.44 -15.12
N SER B 239 17.68 -9.74 -16.38
N SER B 239 17.67 -9.73 -16.39
CA SER B 239 18.35 -8.76 -17.21
CA SER B 239 18.37 -8.76 -17.21
C SER B 239 17.42 -7.62 -17.61
C SER B 239 17.44 -7.63 -17.68
N PHE B 240 16.18 -7.95 -17.97
CA PHE B 240 15.21 -6.91 -18.25
C PHE B 240 15.05 -5.97 -17.06
N ASN B 241 15.05 -6.51 -15.85
CA ASN B 241 14.79 -5.66 -14.69
C ASN B 241 15.96 -4.74 -14.37
N GLU B 242 17.20 -5.18 -14.57
CA GLU B 242 18.32 -4.22 -14.48
C GLU B 242 18.17 -3.12 -15.52
N TRP B 243 17.77 -3.49 -16.73
CA TRP B 243 17.56 -2.49 -17.77
C TRP B 243 16.41 -1.56 -17.41
N ALA B 244 15.35 -2.10 -16.82
CA ALA B 244 14.18 -1.31 -16.51
C ALA B 244 14.51 -0.19 -15.52
N LEU B 245 15.35 -0.49 -14.52
CA LEU B 245 15.75 0.51 -13.55
C LEU B 245 16.39 1.72 -14.19
N ALA B 246 17.07 1.53 -15.32
CA ALA B 246 17.80 2.59 -15.98
C ALA B 246 16.99 3.31 -17.06
N ASN B 247 15.77 2.84 -17.36
CA ASN B 247 15.01 3.31 -18.51
C ASN B 247 13.55 3.59 -18.18
N GLN B 248 13.27 3.95 -16.92
CA GLN B 248 11.94 4.38 -16.42
C GLN B 248 10.85 3.36 -16.74
N PHE B 249 11.18 2.09 -16.55
CA PHE B 249 10.18 1.03 -16.53
C PHE B 249 10.10 0.44 -15.12
N THR B 250 8.92 0.02 -14.73
CA THR B 250 8.81 -0.77 -13.51
C THR B 250 9.47 -2.13 -13.73
N GLU B 251 9.91 -2.75 -12.65
CA GLU B 251 10.44 -4.09 -12.77
C GLU B 251 9.32 -5.08 -13.09
N PHE B 252 9.61 -6.04 -13.96
CA PHE B 252 8.62 -7.01 -14.36
C PHE B 252 8.54 -8.13 -13.32
N VAL B 253 7.32 -8.43 -12.87
CA VAL B 253 7.02 -9.58 -12.03
C VAL B 253 5.96 -10.42 -12.73
N GLY B 254 6.30 -11.66 -13.10
CA GLY B 254 5.33 -12.51 -13.78
C GLY B 254 4.20 -12.95 -12.87
N THR B 255 3.05 -13.25 -13.50
CA THR B 255 1.89 -13.77 -12.79
C THR B 255 1.29 -14.91 -13.60
N GLN B 256 0.42 -15.69 -12.95
CA GLN B 256 -0.29 -16.75 -13.65
C GLN B 256 -1.07 -16.19 -14.83
N SER B 257 -1.57 -14.95 -14.70
CA SER B 257 -2.32 -14.33 -15.79
CA SER B 257 -2.31 -14.33 -15.79
C SER B 257 -1.43 -14.11 -17.01
N VAL B 258 -0.21 -13.63 -16.80
CA VAL B 258 0.73 -13.49 -17.92
C VAL B 258 1.09 -14.86 -18.48
N ASP B 259 1.29 -15.85 -17.61
CA ASP B 259 1.65 -17.18 -18.10
C ASP B 259 0.57 -17.77 -19.01
N MET B 260 -0.71 -17.46 -18.73
CA MET B 260 -1.79 -17.95 -19.59
C MET B 260 -1.68 -17.35 -20.99
N LEU B 261 -1.37 -16.06 -21.06
CA LEU B 261 -1.18 -15.41 -22.36
C LEU B 261 0.00 -16.04 -23.10
N ALA B 262 1.08 -16.37 -22.38
CA ALA B 262 2.22 -17.01 -23.02
C ALA B 262 1.83 -18.38 -23.59
N VAL B 263 1.06 -19.16 -22.83
CA VAL B 263 0.68 -20.48 -23.30
C VAL B 263 -0.25 -20.38 -24.50
N LYS B 264 -1.24 -19.49 -24.44
CA LYS B 264 -2.20 -19.38 -25.53
C LYS B 264 -1.53 -18.94 -26.83
N THR B 265 -0.55 -18.04 -26.74
CA THR B 265 0.11 -17.51 -27.95
C THR B 265 1.34 -18.29 -28.36
N GLY B 266 1.90 -19.10 -27.46
CA GLY B 266 3.18 -19.71 -27.75
C GLY B 266 4.35 -18.77 -27.82
N VAL B 267 4.21 -17.52 -27.40
CA VAL B 267 5.31 -16.54 -27.34
C VAL B 267 5.76 -16.39 -25.90
N ALA B 268 7.04 -16.62 -25.64
CA ALA B 268 7.57 -16.55 -24.28
C ALA B 268 7.68 -15.11 -23.79
N ILE B 269 7.43 -14.94 -22.48
CA ILE B 269 7.59 -13.63 -21.84
C ILE B 269 8.91 -13.01 -22.23
N GLU B 270 9.99 -13.80 -22.22
CA GLU B 270 11.31 -13.23 -22.49
C GLU B 270 11.44 -12.70 -23.92
N GLN B 271 10.65 -13.21 -24.86
CA GLN B 271 10.66 -12.63 -26.20
C GLN B 271 10.05 -11.23 -26.18
N LEU B 272 9.00 -11.02 -25.39
CA LEU B 272 8.38 -9.72 -25.31
C LEU B 272 9.20 -8.74 -24.49
N LEU B 273 9.90 -9.21 -23.46
CA LEU B 273 10.84 -8.32 -22.77
C LEU B 273 11.90 -7.80 -23.74
N TYR B 274 12.46 -8.68 -24.57
CA TYR B 274 13.37 -8.22 -25.62
C TYR B 274 12.67 -7.22 -26.56
N ALA B 275 11.44 -7.54 -26.99
CA ALA B 275 10.73 -6.63 -27.88
C ALA B 275 10.53 -5.25 -27.26
N ILE B 276 10.17 -5.20 -25.96
CA ILE B 276 9.98 -3.90 -25.30
C ILE B 276 11.25 -3.07 -25.38
N GLN B 277 12.41 -3.71 -25.16
CA GLN B 277 13.68 -2.98 -25.19
C GLN B 277 13.95 -2.40 -26.58
N GLN B 278 13.56 -3.11 -27.64
CA GLN B 278 13.73 -2.58 -28.98
C GLN B 278 12.68 -1.52 -29.30
N LEU B 279 11.42 -1.78 -28.95
CA LEU B 279 10.35 -0.87 -29.29
C LEU B 279 10.46 0.44 -28.53
N TYR B 280 11.12 0.42 -27.36
CA TYR B 280 11.32 1.64 -26.60
C TYR B 280 12.22 2.61 -27.35
N THR B 281 13.12 2.10 -28.19
CA THR B 281 14.00 2.94 -29.01
C THR B 281 13.32 3.44 -30.28
N GLY B 282 12.04 3.12 -30.49
CA GLY B 282 11.31 3.63 -31.63
C GLY B 282 10.56 2.56 -32.39
N PHE B 283 9.36 2.87 -32.87
CA PHE B 283 8.57 1.89 -33.60
C PHE B 283 8.97 1.81 -35.07
N GLN B 284 9.89 2.66 -35.52
CA GLN B 284 10.40 2.60 -36.88
C GLN B 284 9.27 2.72 -37.89
N GLY B 285 8.42 3.71 -37.69
CA GLY B 285 7.32 3.99 -38.60
C GLY B 285 6.20 2.98 -38.60
N LYS B 286 6.25 1.95 -37.76
CA LYS B 286 5.21 0.93 -37.74
C LYS B 286 4.25 1.19 -36.59
N GLN B 287 3.15 0.46 -36.59
CA GLN B 287 2.14 0.62 -35.55
C GLN B 287 1.85 -0.73 -34.91
N ILE B 288 1.45 -0.69 -33.64
CA ILE B 288 0.97 -1.86 -32.93
C ILE B 288 -0.39 -1.54 -32.37
N LEU B 289 -1.41 -2.27 -32.81
CA LEU B 289 -2.77 -2.05 -32.35
C LEU B 289 -3.14 -0.57 -32.46
N GLY B 290 -2.82 0.01 -33.60
CA GLY B 290 -3.11 1.40 -33.92
C GLY B 290 -2.28 2.44 -33.18
N SER B 291 -1.26 2.03 -32.43
CA SER B 291 -0.45 2.94 -31.63
C SER B 291 0.98 2.99 -32.15
N THR B 292 1.63 4.15 -32.01
CA THR B 292 3.06 4.29 -32.25
C THR B 292 3.84 4.44 -30.96
N MET B 293 3.21 4.19 -29.82
CA MET B 293 3.87 4.23 -28.53
C MET B 293 3.48 2.99 -27.73
N LEU B 294 4.28 2.68 -26.73
CA LEU B 294 3.95 1.57 -25.85
C LEU B 294 2.72 1.94 -25.01
N GLU B 295 1.86 0.95 -24.79
CA GLU B 295 0.62 1.11 -24.03
C GLU B 295 0.71 0.28 -22.75
N ASP B 296 0.46 0.91 -21.60
CA ASP B 296 0.54 0.21 -20.33
C ASP B 296 -0.73 0.37 -19.49
N GLU B 297 -1.84 0.78 -20.11
CA GLU B 297 -3.09 0.92 -19.40
C GLU B 297 -4.01 -0.30 -19.47
N PHE B 298 -3.56 -1.42 -20.03
CA PHE B 298 -4.31 -2.68 -20.02
C PHE B 298 -3.54 -3.76 -19.26
N THR B 299 -4.21 -4.45 -18.36
CA THR B 299 -3.56 -5.44 -17.52
C THR B 299 -3.63 -6.83 -18.15
N PRO B 300 -2.83 -7.77 -17.64
CA PRO B 300 -2.91 -9.16 -18.14
C PRO B 300 -4.31 -9.75 -17.97
N GLU B 301 -4.95 -9.43 -16.84
CA GLU B 301 -6.33 -9.84 -16.58
C GLU B 301 -7.31 -9.20 -17.56
N ASP B 302 -7.12 -7.92 -17.90
CA ASP B 302 -7.94 -7.27 -18.94
C ASP B 302 -7.87 -8.06 -20.24
N VAL B 303 -6.66 -8.40 -20.67
CA VAL B 303 -6.43 -9.09 -21.92
C VAL B 303 -7.04 -10.48 -21.87
N ASN B 304 -6.82 -11.19 -20.76
CA ASN B 304 -7.37 -12.53 -20.62
C ASN B 304 -8.88 -12.49 -20.66
N MET B 305 -9.48 -11.55 -19.93
CA MET B 305 -10.93 -11.54 -19.83
C MET B 305 -11.57 -11.08 -21.14
N GLN B 306 -11.05 -10.00 -21.75
CA GLN B 306 -11.77 -9.40 -22.86
C GLN B 306 -11.53 -10.13 -24.16
N ILE B 307 -10.35 -10.71 -24.37
CA ILE B 307 -10.07 -11.38 -25.62
C ILE B 307 -10.32 -12.88 -25.52
N MET B 308 -9.95 -13.51 -24.40
CA MET B 308 -10.10 -14.95 -24.31
C MET B 308 -11.28 -15.39 -23.45
N GLY B 309 -11.99 -14.45 -22.82
CA GLY B 309 -13.08 -14.81 -21.94
C GLY B 309 -12.65 -15.56 -20.69
N VAL B 310 -11.41 -15.39 -20.26
CA VAL B 310 -10.83 -16.10 -19.12
C VAL B 310 -10.87 -15.18 -17.91
N VAL B 311 -11.77 -15.46 -16.98
CA VAL B 311 -11.97 -14.60 -15.82
C VAL B 311 -10.91 -14.84 -14.75
#